data_8APU
#
_entry.id   8APU
#
_cell.length_a   94.607
_cell.length_b   94.607
_cell.length_c   177.954
_cell.angle_alpha   90.000
_cell.angle_beta   90.000
_cell.angle_gamma   120.000
#
_symmetry.space_group_name_H-M   'H 3 2'
#
loop_
_entity.id
_entity.type
_entity.pdbx_description
1 polymer 'tRNA (guanine-N(1)-)-methyltransferase'
2 non-polymer 6-[[4-(aminomethyl)phenyl]methylamino]pyridine-3-carboxamide
3 non-polymer 'CITRIC ACID'
4 water water
#
_entity_poly.entity_id   1
_entity_poly.type   'polypeptide(L)'
_entity_poly.pdbx_seq_one_letter_code
;MGSSHHHHHHSSGLVPRGSHMWIGVISLFPEMFKAITEFGVTGRAVKHNLLKVECWNPRDFTFDKHKTVDDRPYGGGPGM
LMMVQPLRDAIHTAKAAAGEGAKVIYLSPQGRKLDQGGVTELAQNQKLILVCGRYEGIDERLIQTEIDEEWSIGDYVLTG
GELPAMTLIDAVARFIPGVLGKQASAEEDSFADGLLDCPHYTRPEVLEGLTVPPVLMSGHHEEIRKWRLKQSLQRTWLRR
PELLEGLALTDEQRKLLKEAQAEHNS
;
_entity_poly.pdbx_strand_id   A
#
loop_
_chem_comp.id
_chem_comp.type
_chem_comp.name
_chem_comp.formula
CIT non-polymer 'CITRIC ACID' 'C6 H8 O7'
NMV non-polymer 6-[[4-(aminomethyl)phenyl]methylamino]pyridine-3-carboxamide 'C14 H16 N4 O'
#
# COMPACT_ATOMS: atom_id res chain seq x y z
N SER A 11 9.57 -7.73 -24.01
CA SER A 11 9.71 -6.61 -23.00
C SER A 11 10.81 -5.60 -23.41
N SER A 12 10.49 -4.32 -23.59
CA SER A 12 11.42 -3.33 -24.21
C SER A 12 11.08 -1.93 -23.73
N GLY A 13 11.98 -0.96 -23.95
CA GLY A 13 11.77 0.48 -23.66
C GLY A 13 13.03 1.15 -23.17
N LEU A 14 12.99 2.48 -23.02
CA LEU A 14 14.20 3.32 -22.74
C LEU A 14 14.26 3.67 -21.27
N VAL A 15 13.12 3.58 -20.56
CA VAL A 15 13.04 4.01 -19.13
C VAL A 15 13.83 3.04 -18.28
N PRO A 16 14.87 3.51 -17.54
CA PRO A 16 15.59 2.66 -16.62
C PRO A 16 14.56 1.90 -15.76
N ARG A 17 14.68 0.57 -15.68
CA ARG A 17 13.71 -0.32 -14.95
C ARG A 17 14.48 -1.40 -14.18
N GLY A 18 15.66 -1.07 -13.63
CA GLY A 18 16.52 -2.08 -12.98
C GLY A 18 15.75 -2.72 -11.82
N SER A 19 15.00 -1.90 -11.08
CA SER A 19 14.28 -2.36 -9.85
C SER A 19 12.82 -2.72 -10.17
N HIS A 20 12.49 -3.01 -11.43
CA HIS A 20 11.07 -3.22 -11.85
C HIS A 20 10.45 -4.31 -10.95
N MET A 21 9.14 -4.20 -10.66
CA MET A 21 8.42 -5.15 -9.79
C MET A 21 7.43 -5.87 -10.68
N TRP A 22 7.21 -7.12 -10.41
CA TRP A 22 6.13 -7.94 -10.98
C TRP A 22 5.17 -8.30 -9.86
N ILE A 23 3.88 -8.05 -10.08
CA ILE A 23 2.86 -8.38 -9.07
C ILE A 23 1.80 -9.21 -9.76
N GLY A 24 1.71 -10.47 -9.33
CA GLY A 24 0.60 -11.35 -9.69
C GLY A 24 -0.55 -11.14 -8.73
N VAL A 25 -1.75 -11.24 -9.26
CA VAL A 25 -2.96 -10.98 -8.49
C VAL A 25 -3.95 -12.11 -8.78
N ILE A 26 -4.53 -12.65 -7.72
CA ILE A 26 -5.61 -13.64 -7.79
C ILE A 26 -6.87 -12.91 -7.33
N SER A 27 -7.87 -12.76 -8.22
CA SER A 27 -9.08 -11.99 -7.92
C SER A 27 -10.21 -12.46 -8.78
N LEU A 28 -11.38 -12.55 -8.17
CA LEU A 28 -12.68 -12.72 -8.88
C LEU A 28 -13.10 -11.48 -9.66
N PHE A 29 -12.46 -10.33 -9.43
CA PHE A 29 -12.79 -9.08 -10.15
C PHE A 29 -11.53 -8.38 -10.63
N PRO A 30 -10.79 -8.97 -11.60
CA PRO A 30 -9.57 -8.38 -12.08
C PRO A 30 -9.75 -6.99 -12.74
N GLU A 31 -10.96 -6.66 -13.21
CA GLU A 31 -11.24 -5.36 -13.85
C GLU A 31 -11.09 -4.24 -12.80
N MET A 32 -11.24 -4.55 -11.50
CA MET A 32 -11.02 -3.53 -10.43
C MET A 32 -9.61 -2.95 -10.58
N PHE A 33 -8.62 -3.76 -10.96
CA PHE A 33 -7.20 -3.37 -10.99
C PHE A 33 -6.93 -2.31 -12.06
N LYS A 34 -7.85 -2.12 -13.02
CA LYS A 34 -7.74 -0.99 -13.97
C LYS A 34 -7.59 0.35 -13.23
N ALA A 35 -8.12 0.50 -11.99
CA ALA A 35 -8.12 1.76 -11.24
C ALA A 35 -6.64 2.14 -11.02
N ILE A 36 -5.76 1.15 -10.87
CA ILE A 36 -4.32 1.44 -10.68
C ILE A 36 -3.55 1.29 -12.00
N THR A 37 -3.92 0.41 -12.91
CA THR A 37 -3.05 0.12 -14.09
C THR A 37 -3.34 1.09 -15.23
N GLU A 38 -4.47 1.81 -15.21
CA GLU A 38 -4.84 2.65 -16.35
C GLU A 38 -4.74 4.15 -16.00
N PHE A 39 -4.40 4.55 -14.78
CA PHE A 39 -4.51 5.96 -14.38
C PHE A 39 -3.31 6.42 -13.56
N GLY A 40 -2.98 7.70 -13.73
CA GLY A 40 -2.07 8.41 -12.79
C GLY A 40 -0.67 7.87 -12.82
N VAL A 41 0.02 8.01 -11.69
CA VAL A 41 1.44 7.56 -11.48
C VAL A 41 1.55 6.06 -11.62
N THR A 42 0.63 5.25 -11.05
CA THR A 42 0.69 3.78 -11.19
C THR A 42 0.49 3.39 -12.68
N GLY A 43 -0.45 4.02 -13.38
CA GLY A 43 -0.72 3.80 -14.80
C GLY A 43 0.57 4.05 -15.61
N ARG A 44 1.27 5.14 -15.30
CA ARG A 44 2.54 5.50 -15.98
C ARG A 44 3.57 4.42 -15.67
N ALA A 45 3.69 3.96 -14.43
CA ALA A 45 4.66 2.91 -14.03
C ALA A 45 4.43 1.68 -14.90
N VAL A 46 3.17 1.27 -15.04
CA VAL A 46 2.78 0.08 -15.86
C VAL A 46 3.19 0.34 -17.32
N LYS A 47 2.82 1.48 -17.90
CA LYS A 47 3.14 1.75 -19.35
C LYS A 47 4.66 1.79 -19.56
N HIS A 48 5.46 2.20 -18.58
CA HIS A 48 6.94 2.35 -18.69
C HIS A 48 7.67 1.07 -18.30
N ASN A 49 6.95 0.02 -17.92
CA ASN A 49 7.50 -1.29 -17.58
C ASN A 49 8.29 -1.21 -16.27
N LEU A 50 8.00 -0.26 -15.39
CA LEU A 50 8.57 -0.29 -14.01
C LEU A 50 7.77 -1.27 -13.13
N LEU A 51 6.51 -1.45 -13.48
CA LEU A 51 5.53 -2.25 -12.70
C LEU A 51 4.72 -3.09 -13.68
N LYS A 52 4.60 -4.40 -13.39
CA LYS A 52 3.68 -5.24 -14.20
C LYS A 52 2.69 -5.83 -13.24
N VAL A 53 1.41 -5.76 -13.57
CA VAL A 53 0.34 -6.35 -12.75
C VAL A 53 -0.35 -7.39 -13.62
N GLU A 54 -0.35 -8.63 -13.16
CA GLU A 54 -0.89 -9.76 -14.00
C GLU A 54 -1.91 -10.49 -13.13
N CYS A 55 -3.13 -10.61 -13.64
CA CYS A 55 -4.26 -11.14 -12.85
C CYS A 55 -4.65 -12.54 -13.35
N TRP A 56 -4.94 -13.38 -12.42
CA TRP A 56 -5.68 -14.66 -12.64
C TRP A 56 -7.00 -14.63 -11.87
N ASN A 57 -8.07 -15.10 -12.51
CA ASN A 57 -9.45 -15.12 -11.97
C ASN A 57 -9.82 -16.57 -11.65
N PRO A 58 -10.02 -16.98 -10.36
CA PRO A 58 -10.44 -18.34 -10.05
C PRO A 58 -11.62 -18.84 -10.91
N ARG A 59 -12.49 -17.93 -11.32
CA ARG A 59 -13.63 -18.30 -12.21
C ARG A 59 -13.10 -19.09 -13.43
N ASP A 60 -11.93 -18.73 -13.95
CA ASP A 60 -11.43 -19.39 -15.19
C ASP A 60 -10.90 -20.78 -14.84
N PHE A 61 -10.80 -21.15 -13.56
CA PHE A 61 -10.27 -22.45 -13.10
C PHE A 61 -11.42 -23.34 -12.64
N THR A 62 -12.68 -22.93 -12.89
CA THR A 62 -13.83 -23.78 -12.52
C THR A 62 -14.09 -24.81 -13.67
N PHE A 63 -14.82 -25.86 -13.38
CA PHE A 63 -15.23 -26.88 -14.39
C PHE A 63 -16.74 -27.10 -14.40
N ASP A 64 -17.49 -26.60 -13.43
CA ASP A 64 -18.96 -26.79 -13.46
C ASP A 64 -19.59 -25.81 -14.42
N LYS A 65 -20.81 -26.13 -14.85
CA LYS A 65 -21.59 -25.34 -15.82
C LYS A 65 -21.80 -23.89 -15.32
N HIS A 66 -22.00 -23.69 -14.03
CA HIS A 66 -22.25 -22.33 -13.46
C HIS A 66 -20.97 -21.65 -12.93
N LYS A 67 -19.80 -22.27 -13.08
CA LYS A 67 -18.52 -21.66 -12.73
C LYS A 67 -18.58 -21.16 -11.26
N THR A 68 -18.77 -22.11 -10.35
CA THR A 68 -19.00 -21.86 -8.93
C THR A 68 -17.63 -21.52 -8.26
N VAL A 69 -17.58 -20.38 -7.54
CA VAL A 69 -16.30 -19.91 -6.92
C VAL A 69 -16.47 -19.74 -5.43
N ASP A 70 -17.65 -19.99 -4.90
CA ASP A 70 -17.88 -19.98 -3.42
C ASP A 70 -18.26 -21.38 -2.92
N ASP A 71 -18.18 -21.56 -1.62
CA ASP A 71 -18.49 -22.86 -0.98
C ASP A 71 -18.91 -22.59 0.47
N ARG A 72 -19.65 -23.53 1.05
CA ARG A 72 -20.26 -23.41 2.39
C ARG A 72 -19.21 -23.71 3.45
N PRO A 73 -19.18 -22.94 4.52
CA PRO A 73 -18.24 -23.22 5.60
C PRO A 73 -18.73 -24.43 6.39
N TYR A 74 -17.78 -25.26 6.82
CA TYR A 74 -18.03 -26.34 7.77
C TYR A 74 -18.41 -25.68 9.10
N GLY A 75 -19.49 -26.17 9.73
CA GLY A 75 -19.98 -25.76 11.06
C GLY A 75 -21.03 -24.71 10.96
N GLY A 76 -21.35 -24.33 9.73
CA GLY A 76 -22.47 -23.43 9.47
C GLY A 76 -22.06 -22.04 9.83
N GLY A 77 -23.06 -21.17 10.01
CA GLY A 77 -22.83 -19.72 10.14
C GLY A 77 -23.32 -19.06 8.85
N PRO A 78 -23.35 -17.72 8.78
CA PRO A 78 -24.09 -17.04 7.71
C PRO A 78 -23.39 -17.03 6.34
N GLY A 79 -22.06 -16.82 6.32
CA GLY A 79 -21.36 -16.40 5.09
C GLY A 79 -20.81 -17.59 4.29
N MET A 80 -20.27 -17.31 3.11
CA MET A 80 -19.65 -18.33 2.24
C MET A 80 -18.14 -18.18 2.36
N LEU A 81 -17.39 -19.12 1.81
CA LEU A 81 -15.92 -18.99 1.66
C LEU A 81 -15.61 -19.11 0.18
N MET A 82 -14.42 -18.68 -0.20
CA MET A 82 -13.93 -19.00 -1.55
CA MET A 82 -13.81 -18.99 -1.52
C MET A 82 -13.79 -20.53 -1.71
N MET A 83 -14.33 -21.04 -2.80
CA MET A 83 -14.18 -22.48 -3.11
C MET A 83 -12.68 -22.80 -3.24
N VAL A 84 -12.23 -23.85 -2.60
CA VAL A 84 -10.78 -24.26 -2.57
C VAL A 84 -10.23 -24.55 -3.97
N GLN A 85 -10.87 -25.43 -4.77
CA GLN A 85 -10.21 -25.97 -5.99
C GLN A 85 -9.93 -24.82 -6.97
N PRO A 86 -10.89 -23.96 -7.36
CA PRO A 86 -10.60 -22.88 -8.28
C PRO A 86 -9.53 -21.91 -7.76
N LEU A 87 -9.58 -21.62 -6.45
CA LEU A 87 -8.63 -20.63 -5.90
C LEU A 87 -7.23 -21.23 -5.87
N ARG A 88 -7.13 -22.47 -5.38
CA ARG A 88 -5.83 -23.22 -5.32
C ARG A 88 -5.21 -23.33 -6.70
N ASP A 89 -6.03 -23.74 -7.69
CA ASP A 89 -5.53 -23.84 -9.10
C ASP A 89 -5.04 -22.48 -9.62
N ALA A 90 -5.76 -21.38 -9.37
CA ALA A 90 -5.30 -20.03 -9.79
C ALA A 90 -3.96 -19.70 -9.11
N ILE A 91 -3.83 -20.02 -7.83
CA ILE A 91 -2.57 -19.69 -7.10
C ILE A 91 -1.41 -20.47 -7.78
N HIS A 92 -1.60 -21.76 -8.03
CA HIS A 92 -0.54 -22.63 -8.60
C HIS A 92 -0.14 -22.06 -9.96
N THR A 93 -1.08 -21.59 -10.77
CA THR A 93 -0.78 -21.03 -12.10
C THR A 93 0.00 -19.73 -11.99
N ALA A 94 -0.35 -18.86 -11.06
CA ALA A 94 0.41 -17.61 -10.80
C ALA A 94 1.85 -17.99 -10.33
N LYS A 95 1.99 -18.92 -9.41
CA LYS A 95 3.34 -19.32 -8.90
C LYS A 95 4.22 -19.89 -10.04
N ALA A 96 3.67 -20.73 -10.90
CA ALA A 96 4.39 -21.29 -12.08
C ALA A 96 4.81 -20.15 -12.98
N ALA A 97 3.92 -19.21 -13.26
CA ALA A 97 4.25 -18.03 -14.09
C ALA A 97 5.37 -17.22 -13.44
N ALA A 98 5.33 -17.04 -12.13
CA ALA A 98 6.20 -16.09 -11.42
C ALA A 98 7.62 -16.67 -11.36
N GLY A 99 7.71 -17.98 -11.29
CA GLY A 99 8.98 -18.68 -11.09
C GLY A 99 9.45 -18.51 -9.68
N GLU A 100 10.76 -18.66 -9.47
CA GLU A 100 11.37 -18.70 -8.11
C GLU A 100 11.39 -17.27 -7.56
N GLY A 101 11.31 -17.19 -6.23
CA GLY A 101 11.42 -15.94 -5.44
C GLY A 101 10.08 -15.18 -5.28
N ALA A 102 8.95 -15.66 -5.77
CA ALA A 102 7.68 -14.89 -5.61
C ALA A 102 7.11 -15.17 -4.20
N LYS A 103 7.01 -14.14 -3.37
CA LYS A 103 6.33 -14.30 -2.07
C LYS A 103 4.82 -14.08 -2.24
N VAL A 104 4.02 -14.95 -1.65
CA VAL A 104 2.54 -14.96 -1.79
C VAL A 104 1.96 -14.29 -0.56
N ILE A 105 1.18 -13.23 -0.79
CA ILE A 105 0.63 -12.38 0.29
C ILE A 105 -0.87 -12.60 0.29
N TYR A 106 -1.44 -12.80 1.45
CA TYR A 106 -2.92 -12.80 1.59
C TYR A 106 -3.32 -11.56 2.40
N LEU A 107 -4.24 -10.76 1.84
CA LEU A 107 -4.70 -9.52 2.50
C LEU A 107 -5.91 -9.88 3.35
N SER A 108 -5.86 -9.60 4.63
CA SER A 108 -6.98 -9.92 5.53
C SER A 108 -6.89 -9.01 6.74
N PRO A 109 -8.04 -8.78 7.43
CA PRO A 109 -8.04 -8.10 8.71
C PRO A 109 -7.28 -8.84 9.81
N GLN A 110 -6.99 -10.12 9.64
CA GLN A 110 -6.24 -10.91 10.61
C GLN A 110 -4.74 -10.80 10.39
N GLY A 111 -4.30 -10.03 9.42
CA GLY A 111 -2.88 -9.98 9.01
C GLY A 111 -2.05 -9.02 9.80
N ARG A 112 -0.76 -9.06 9.56
CA ARG A 112 0.22 -8.05 10.01
C ARG A 112 -0.20 -6.64 9.55
N LYS A 113 -0.23 -5.68 10.45
CA LYS A 113 -0.69 -4.32 10.10
C LYS A 113 0.30 -3.59 9.18
N LEU A 114 -0.12 -3.24 7.96
CA LEU A 114 0.78 -2.49 7.04
C LEU A 114 1.01 -1.05 7.54
N ASP A 115 2.27 -0.62 7.55
CA ASP A 115 2.69 0.78 7.80
C ASP A 115 3.80 1.09 6.80
N GLN A 116 4.38 2.28 6.82
CA GLN A 116 5.30 2.65 5.71
C GLN A 116 6.57 1.76 5.80
N GLY A 117 7.03 1.44 7.00
CA GLY A 117 8.18 0.52 7.17
C GLY A 117 7.90 -0.84 6.53
N GLY A 118 6.72 -1.37 6.74
CA GLY A 118 6.32 -2.65 6.13
C GLY A 118 6.21 -2.52 4.64
N VAL A 119 5.71 -1.37 4.13
CA VAL A 119 5.70 -1.11 2.66
C VAL A 119 7.15 -1.27 2.13
N THR A 120 8.11 -0.65 2.79
CA THR A 120 9.51 -0.67 2.25
C THR A 120 10.10 -2.08 2.36
N GLU A 121 9.72 -2.88 3.39
CA GLU A 121 10.14 -4.31 3.47
C GLU A 121 9.55 -5.06 2.28
N LEU A 122 8.23 -4.89 2.04
CA LEU A 122 7.56 -5.56 0.91
C LEU A 122 8.16 -5.15 -0.41
N ALA A 123 8.57 -3.93 -0.58
CA ALA A 123 9.09 -3.39 -1.85
C ALA A 123 10.46 -3.97 -2.18
N GLN A 124 11.13 -4.65 -1.24
CA GLN A 124 12.43 -5.33 -1.52
C GLN A 124 12.19 -6.55 -2.42
N ASN A 125 10.98 -7.10 -2.45
CA ASN A 125 10.63 -8.29 -3.26
C ASN A 125 10.51 -7.87 -4.71
N GLN A 126 11.19 -8.54 -5.62
CA GLN A 126 11.04 -8.24 -7.05
C GLN A 126 9.73 -8.85 -7.57
N LYS A 127 9.20 -9.88 -6.89
CA LYS A 127 7.95 -10.53 -7.35
C LYS A 127 7.05 -10.74 -6.14
N LEU A 128 5.79 -10.35 -6.26
CA LEU A 128 4.76 -10.66 -5.24
C LEU A 128 3.59 -11.35 -5.95
N ILE A 129 2.87 -12.18 -5.22
CA ILE A 129 1.53 -12.65 -5.62
C ILE A 129 0.59 -12.23 -4.52
N LEU A 130 -0.47 -11.50 -4.89
CA LEU A 130 -1.44 -10.96 -3.94
C LEU A 130 -2.74 -11.73 -4.11
N VAL A 131 -3.17 -12.42 -3.06
CA VAL A 131 -4.38 -13.25 -3.13
C VAL A 131 -5.55 -12.43 -2.56
N CYS A 132 -6.60 -12.21 -3.34
CA CYS A 132 -7.72 -11.35 -2.90
C CYS A 132 -8.91 -12.24 -2.52
N GLY A 133 -9.24 -12.29 -1.24
CA GLY A 133 -10.35 -13.10 -0.73
C GLY A 133 -11.66 -12.36 -0.93
N ARG A 134 -12.72 -13.04 -1.33
CA ARG A 134 -14.07 -12.44 -1.26
C ARG A 134 -14.86 -13.21 -0.20
N TYR A 135 -16.13 -12.89 0.03
CA TYR A 135 -16.98 -13.59 1.02
C TYR A 135 -16.31 -13.53 2.39
N GLU A 136 -16.30 -14.59 3.19
CA GLU A 136 -15.67 -14.54 4.54
C GLU A 136 -14.21 -14.96 4.42
N GLY A 137 -13.70 -15.10 3.20
CA GLY A 137 -12.26 -15.25 3.04
C GLY A 137 -11.93 -16.66 2.51
N ILE A 138 -10.81 -17.17 2.88
CA ILE A 138 -10.31 -18.44 2.29
C ILE A 138 -10.14 -19.49 3.39
N ASP A 139 -10.13 -20.77 2.99
CA ASP A 139 -9.92 -21.93 3.90
C ASP A 139 -8.62 -21.77 4.66
N GLU A 140 -8.65 -21.99 5.97
CA GLU A 140 -7.47 -21.85 6.82
C GLU A 140 -6.28 -22.65 6.25
N ARG A 141 -6.52 -23.85 5.70
CA ARG A 141 -5.43 -24.74 5.23
C ARG A 141 -4.72 -24.16 4.03
N LEU A 142 -5.39 -23.37 3.20
CA LEU A 142 -4.69 -22.68 2.08
C LEU A 142 -3.73 -21.64 2.64
N ILE A 143 -4.06 -21.02 3.77
CA ILE A 143 -3.14 -20.01 4.38
C ILE A 143 -1.88 -20.78 4.71
N GLN A 144 -2.09 -21.89 5.42
CA GLN A 144 -0.98 -22.75 5.89
C GLN A 144 -0.15 -23.23 4.69
N THR A 145 -0.77 -23.62 3.56
CA THR A 145 -0.03 -24.34 2.48
C THR A 145 0.41 -23.41 1.36
N GLU A 146 -0.28 -22.27 1.12
CA GLU A 146 -0.04 -21.46 -0.11
C GLU A 146 0.47 -20.07 0.24
N ILE A 147 0.19 -19.56 1.44
CA ILE A 147 0.41 -18.13 1.74
C ILE A 147 1.73 -17.99 2.52
N ASP A 148 2.62 -17.13 2.04
CA ASP A 148 3.86 -16.78 2.78
C ASP A 148 3.58 -15.81 3.91
N GLU A 149 2.85 -14.73 3.64
CA GLU A 149 2.59 -13.70 4.69
C GLU A 149 1.17 -13.15 4.56
N GLU A 150 0.55 -12.98 5.69
CA GLU A 150 -0.78 -12.34 5.80
C GLU A 150 -0.57 -10.88 6.28
N TRP A 151 -1.17 -9.92 5.59
CA TRP A 151 -1.10 -8.45 5.89
C TRP A 151 -2.50 -7.82 5.85
N SER A 152 -2.70 -6.87 6.78
CA SER A 152 -3.89 -5.99 6.82
C SER A 152 -3.45 -4.61 6.40
N ILE A 153 -4.31 -3.90 5.69
CA ILE A 153 -4.11 -2.45 5.41
C ILE A 153 -4.64 -1.61 6.56
N GLY A 154 -5.39 -2.23 7.48
CA GLY A 154 -6.00 -1.48 8.59
C GLY A 154 -7.13 -2.23 9.26
N ASP A 155 -7.49 -1.80 10.48
CA ASP A 155 -8.46 -2.51 11.36
C ASP A 155 -9.86 -2.16 10.91
N TYR A 156 -10.24 -2.60 9.75
CA TYR A 156 -11.60 -2.54 9.18
C TYR A 156 -11.79 -3.73 8.22
N VAL A 157 -13.05 -3.99 7.92
CA VAL A 157 -13.49 -5.11 7.07
C VAL A 157 -14.12 -4.57 5.79
N LEU A 158 -13.60 -5.05 4.67
CA LEU A 158 -14.05 -4.65 3.33
C LEU A 158 -14.74 -5.82 2.67
N THR A 159 -15.43 -5.55 1.55
CA THR A 159 -16.14 -6.61 0.81
C THR A 159 -15.15 -7.55 0.10
N GLY A 160 -13.88 -7.16 -0.03
CA GLY A 160 -12.90 -8.07 -0.61
C GLY A 160 -11.49 -7.58 -0.39
N GLY A 161 -10.50 -8.42 -0.73
CA GLY A 161 -9.08 -8.03 -0.66
C GLY A 161 -8.58 -7.19 -1.80
N GLU A 162 -9.39 -6.85 -2.79
CA GLU A 162 -8.94 -6.14 -4.01
C GLU A 162 -8.50 -4.71 -3.65
N LEU A 163 -9.31 -3.97 -2.80
CA LEU A 163 -8.91 -2.61 -2.45
C LEU A 163 -7.66 -2.67 -1.61
N PRO A 164 -7.56 -3.57 -0.62
CA PRO A 164 -6.27 -3.74 0.08
C PRO A 164 -5.09 -4.09 -0.83
N ALA A 165 -5.30 -4.98 -1.79
CA ALA A 165 -4.23 -5.35 -2.75
C ALA A 165 -3.80 -4.10 -3.52
N MET A 166 -4.76 -3.35 -4.07
CA MET A 166 -4.46 -2.13 -4.91
C MET A 166 -3.72 -1.10 -4.03
N THR A 167 -4.11 -0.98 -2.75
CA THR A 167 -3.47 -0.07 -1.77
C THR A 167 -2.00 -0.45 -1.61
N LEU A 168 -1.72 -1.73 -1.43
CA LEU A 168 -0.31 -2.22 -1.24
C LEU A 168 0.46 -1.99 -2.54
N ILE A 169 -0.12 -2.31 -3.71
CA ILE A 169 0.60 -2.13 -4.99
C ILE A 169 1.02 -0.65 -5.09
N ASP A 170 0.07 0.27 -4.89
CA ASP A 170 0.31 1.72 -5.02
C ASP A 170 1.42 2.13 -4.02
N ALA A 171 1.31 1.69 -2.76
CA ALA A 171 2.28 2.10 -1.72
C ALA A 171 3.68 1.59 -2.10
N VAL A 172 3.78 0.34 -2.57
CA VAL A 172 5.12 -0.24 -2.93
C VAL A 172 5.64 0.45 -4.18
N ALA A 173 4.78 0.71 -5.17
CA ALA A 173 5.19 1.31 -6.45
C ALA A 173 5.95 2.62 -6.27
N ARG A 174 5.58 3.42 -5.28
CA ARG A 174 6.21 4.71 -4.98
C ARG A 174 7.68 4.50 -4.62
N PHE A 175 8.06 3.32 -4.13
CA PHE A 175 9.45 3.01 -3.70
C PHE A 175 10.24 2.40 -4.88
N ILE A 176 9.64 2.26 -6.04
CA ILE A 176 10.33 1.73 -7.25
C ILE A 176 11.01 2.91 -7.88
N PRO A 177 12.35 2.90 -8.02
CA PRO A 177 13.05 4.05 -8.61
C PRO A 177 12.47 4.33 -9.99
N GLY A 178 12.25 5.62 -10.29
CA GLY A 178 11.66 6.11 -11.54
C GLY A 178 10.15 6.32 -11.51
N VAL A 179 9.43 5.75 -10.56
CA VAL A 179 7.93 5.88 -10.55
C VAL A 179 7.56 7.33 -10.20
N LEU A 180 8.15 7.87 -9.17
CA LEU A 180 7.89 9.29 -8.79
C LEU A 180 8.63 10.26 -9.70
N GLY A 181 8.20 11.53 -9.74
CA GLY A 181 8.76 12.57 -10.64
C GLY A 181 10.08 13.13 -10.13
N ASP A 189 10.76 11.78 2.38
CA ASP A 189 9.62 12.60 1.86
C ASP A 189 8.27 11.87 2.02
N SER A 190 8.28 10.57 2.32
CA SER A 190 7.09 9.82 2.79
C SER A 190 7.19 9.73 4.31
N PHE A 191 6.27 10.37 5.03
CA PHE A 191 6.39 10.54 6.49
C PHE A 191 7.82 10.93 6.76
N ALA A 192 8.23 12.06 6.18
CA ALA A 192 9.64 12.55 6.27
C ALA A 192 10.00 12.53 7.77
N ASP A 193 11.09 11.81 8.15
CA ASP A 193 11.65 11.78 9.53
C ASP A 193 10.79 10.90 10.47
N GLY A 194 9.83 10.13 9.96
CA GLY A 194 8.86 9.40 10.80
C GLY A 194 7.73 10.33 11.31
N LEU A 195 7.64 11.52 10.75
CA LEU A 195 6.69 12.53 11.25
C LEU A 195 5.54 12.67 10.27
N LEU A 196 4.42 13.17 10.77
CA LEU A 196 3.33 13.70 9.88
C LEU A 196 3.92 14.83 9.01
N ASP A 197 3.59 14.87 7.73
CA ASP A 197 3.99 15.98 6.80
C ASP A 197 3.54 17.37 7.28
N CYS A 198 4.30 18.43 6.96
CA CYS A 198 4.00 19.84 7.33
C CYS A 198 2.87 20.39 6.44
N PRO A 199 2.24 21.50 6.80
CA PRO A 199 1.29 22.19 5.92
C PRO A 199 2.00 22.67 4.64
N HIS A 200 1.26 22.67 3.55
CA HIS A 200 1.70 23.22 2.25
C HIS A 200 0.69 24.31 1.84
N TYR A 201 1.17 25.19 0.99
CA TYR A 201 0.41 26.37 0.48
C TYR A 201 0.77 26.56 -0.96
N THR A 202 -0.23 26.92 -1.75
CA THR A 202 -0.02 27.38 -3.14
C THR A 202 -0.84 28.68 -3.36
N ARG A 203 -0.91 29.14 -4.61
CA ARG A 203 -1.61 30.39 -4.92
C ARG A 203 -3.06 30.22 -4.54
N PRO A 204 -3.77 31.28 -4.12
CA PRO A 204 -3.24 32.66 -4.01
C PRO A 204 -2.63 32.95 -2.61
N GLU A 205 -1.90 34.05 -2.53
CA GLU A 205 -1.26 34.52 -1.28
C GLU A 205 -2.28 34.73 -0.18
N VAL A 206 -3.48 35.17 -0.52
CA VAL A 206 -4.56 35.33 0.49
C VAL A 206 -5.79 34.55 0.03
N LEU A 207 -6.37 33.75 0.94
CA LEU A 207 -7.53 32.89 0.64
C LEU A 207 -8.49 33.01 1.79
N GLU A 208 -9.67 33.57 1.58
CA GLU A 208 -10.75 33.73 2.59
C GLU A 208 -10.16 34.38 3.84
N GLY A 209 -9.34 35.42 3.62
CA GLY A 209 -8.56 36.16 4.64
C GLY A 209 -7.39 35.41 5.23
N LEU A 210 -7.06 34.18 4.80
CA LEU A 210 -5.92 33.40 5.34
C LEU A 210 -4.71 33.60 4.44
N THR A 211 -3.59 33.99 5.02
CA THR A 211 -2.38 34.43 4.30
C THR A 211 -1.37 33.30 4.39
N VAL A 212 -0.58 33.10 3.37
CA VAL A 212 0.58 32.17 3.41
C VAL A 212 1.59 32.66 4.43
N PRO A 213 2.09 31.78 5.36
CA PRO A 213 3.15 32.16 6.28
C PRO A 213 4.25 32.88 5.53
N PRO A 214 4.59 34.11 5.94
CA PRO A 214 5.66 34.90 5.30
C PRO A 214 6.98 34.18 5.11
N VAL A 215 7.31 33.27 6.03
CA VAL A 215 8.61 32.54 5.92
C VAL A 215 8.67 31.82 4.59
N LEU A 216 7.55 31.24 4.13
CA LEU A 216 7.51 30.47 2.85
C LEU A 216 7.70 31.37 1.62
N MET A 217 7.49 32.68 1.79
CA MET A 217 7.65 33.69 0.72
C MET A 217 9.08 34.30 0.73
N SER A 218 9.89 34.02 1.76
CA SER A 218 11.15 34.72 2.10
C SER A 218 12.29 34.35 1.14
N GLY A 219 12.25 33.18 0.51
CA GLY A 219 13.38 32.59 -0.27
C GLY A 219 14.50 32.00 0.60
N HIS A 220 14.39 32.07 1.94
CA HIS A 220 15.44 31.62 2.90
C HIS A 220 15.32 30.11 3.13
N HIS A 221 16.02 29.33 2.33
CA HIS A 221 15.86 27.86 2.20
C HIS A 221 16.02 27.18 3.57
N GLU A 222 16.90 27.72 4.41
CA GLU A 222 17.23 27.10 5.70
C GLU A 222 16.12 27.46 6.69
N GLU A 223 15.62 28.69 6.71
CA GLU A 223 14.55 29.05 7.66
C GLU A 223 13.27 28.30 7.22
N ILE A 224 13.09 28.08 5.92
CA ILE A 224 11.87 27.39 5.41
C ILE A 224 11.93 25.93 5.90
N ARG A 225 13.14 25.33 5.82
CA ARG A 225 13.37 23.90 6.19
C ARG A 225 12.98 23.75 7.65
N LYS A 226 13.46 24.67 8.47
CA LYS A 226 13.26 24.59 9.93
C LYS A 226 11.79 24.86 10.32
N TRP A 227 11.15 25.79 9.65
CA TRP A 227 9.68 26.03 9.86
C TRP A 227 8.90 24.73 9.54
N ARG A 228 9.15 24.10 8.39
CA ARG A 228 8.43 22.87 7.97
C ARG A 228 8.71 21.70 8.99
N LEU A 229 9.95 21.59 9.47
CA LEU A 229 10.33 20.55 10.43
C LEU A 229 9.64 20.80 11.76
N LYS A 230 9.65 22.03 12.23
CA LYS A 230 8.94 22.39 13.49
C LYS A 230 7.42 22.11 13.38
N GLN A 231 6.81 22.50 12.26
CA GLN A 231 5.35 22.27 12.02
C GLN A 231 5.08 20.76 12.07
N SER A 232 5.93 19.95 11.39
CA SER A 232 5.79 18.48 11.33
C SER A 232 5.88 17.90 12.74
N LEU A 233 6.84 18.39 13.54
CA LEU A 233 7.00 17.94 14.96
C LEU A 233 5.77 18.35 15.77
N GLN A 234 5.31 19.59 15.61
CA GLN A 234 4.12 20.08 16.35
C GLN A 234 2.84 19.28 16.00
N ARG A 235 2.58 19.07 14.72
CA ARG A 235 1.40 18.31 14.23
C ARG A 235 1.50 16.84 14.67
N THR A 236 2.70 16.23 14.63
CA THR A 236 2.83 14.83 15.09
C THR A 236 2.51 14.77 16.59
N TRP A 237 3.03 15.74 17.36
CA TRP A 237 2.84 15.80 18.82
C TRP A 237 1.34 15.99 19.14
N LEU A 238 0.67 16.91 18.44
CA LEU A 238 -0.78 17.20 18.74
C LEU A 238 -1.68 16.08 18.25
N ARG A 239 -1.36 15.41 17.11
CA ARG A 239 -2.33 14.46 16.50
C ARG A 239 -2.00 13.01 16.74
N ARG A 240 -0.72 12.66 16.90
CA ARG A 240 -0.25 11.27 16.82
C ARG A 240 1.01 11.19 17.68
N PRO A 241 0.88 11.55 18.95
CA PRO A 241 2.03 11.57 19.87
C PRO A 241 2.72 10.21 20.03
N GLU A 242 1.98 9.13 19.78
CA GLU A 242 2.56 7.77 19.84
C GLU A 242 3.63 7.65 18.75
N LEU A 243 3.54 8.38 17.66
CA LEU A 243 4.55 8.32 16.58
C LEU A 243 5.90 8.90 17.04
N LEU A 244 5.91 9.84 17.95
CA LEU A 244 7.15 10.43 18.55
C LEU A 244 7.90 9.39 19.40
N GLU A 245 7.18 8.46 20.00
CA GLU A 245 7.80 7.50 20.94
C GLU A 245 8.64 6.51 20.15
N GLY A 246 8.29 6.24 18.90
CA GLY A 246 9.06 5.34 18.01
C GLY A 246 10.35 5.99 17.48
N LEU A 247 10.66 7.21 17.86
CA LEU A 247 11.74 8.00 17.24
C LEU A 247 12.79 8.38 18.28
N ALA A 248 14.02 8.44 17.81
CA ALA A 248 15.16 9.05 18.51
C ALA A 248 15.35 10.40 17.80
N LEU A 249 14.81 11.46 18.39
CA LEU A 249 14.81 12.76 17.68
C LEU A 249 16.24 13.31 17.63
N THR A 250 16.64 13.90 16.50
CA THR A 250 17.93 14.66 16.42
C THR A 250 17.90 15.80 17.41
N ASP A 251 19.08 16.30 17.75
CA ASP A 251 19.27 17.55 18.52
C ASP A 251 18.35 18.67 17.98
N GLU A 252 18.44 18.91 16.68
CA GLU A 252 17.67 20.03 16.05
C GLU A 252 16.16 19.75 16.28
N GLN A 253 15.72 18.50 16.09
CA GLN A 253 14.29 18.13 16.27
C GLN A 253 13.87 18.30 17.72
N ARG A 254 14.72 17.91 18.70
CA ARG A 254 14.37 18.08 20.14
C ARG A 254 14.12 19.55 20.45
N LYS A 255 14.96 20.44 19.91
CA LYS A 255 14.89 21.92 20.14
C LYS A 255 13.62 22.49 19.48
N LEU A 256 13.35 22.13 18.23
CA LEU A 256 12.13 22.64 17.52
C LEU A 256 10.87 22.12 18.21
N LEU A 257 10.76 20.84 18.61
CA LEU A 257 9.59 20.36 19.37
C LEU A 257 9.43 21.19 20.63
N LYS A 258 10.50 21.36 21.42
CA LYS A 258 10.40 22.11 22.71
C LYS A 258 9.89 23.51 22.42
N GLU A 259 10.43 24.18 21.40
CA GLU A 259 9.94 25.55 20.98
C GLU A 259 8.45 25.47 20.62
N ALA A 260 7.98 24.46 19.86
CA ALA A 260 6.54 24.39 19.46
C ALA A 260 5.64 24.10 20.67
N GLN A 261 6.09 23.25 21.58
CA GLN A 261 5.40 22.91 22.86
C GLN A 261 5.33 24.16 23.76
N ALA A 262 6.41 24.96 23.87
CA ALA A 262 6.42 26.24 24.65
C ALA A 262 5.43 27.22 24.03
N GLU A 263 5.46 27.41 22.71
CA GLU A 263 4.55 28.33 21.98
C GLU A 263 3.07 27.92 22.06
N HIS A 264 2.79 26.63 22.02
CA HIS A 264 1.43 26.08 22.24
C HIS A 264 0.91 26.49 23.63
N ASN A 265 1.77 26.47 24.67
CA ASN A 265 1.39 26.60 26.11
C ASN A 265 1.36 28.08 26.55
C1 NMV B . -11.89 -13.03 7.30
N1 NMV B . -13.30 -13.37 7.66
O1 NMV B . -6.63 -5.51 4.87
C2 NMV B . -11.85 -12.18 6.02
N2 NMV B . -11.84 -8.34 2.82
C3 NMV B . -10.80 -12.28 5.13
N3 NMV B . -11.20 -6.62 4.18
C4 NMV B . -10.80 -11.55 3.96
N4 NMV B . -8.12 -4.71 6.35
C5 NMV B . -11.82 -10.62 3.71
C6 NMV B . -11.81 -9.75 2.47
C7 NMV B . -10.82 -7.69 3.42
C8 NMV B . -9.49 -8.09 3.24
C10 NMV B . -8.86 -6.26 4.64
C11 NMV B . -10.20 -5.91 4.73
C12 NMV B . -7.79 -5.47 5.32
C9 NMV B . -8.51 -7.32 3.84
C13 NMV B . -12.83 -10.48 4.63
C14 NMV B . -12.87 -11.29 5.75
H3 NMV B . -11.39 -13.87 7.19
H4 NMV B . -11.49 -12.54 8.07
H2 NMV B . -13.96 -13.41 6.90
H1 NMV B . -13.42 -14.02 8.39
H9 NMV B . -12.55 -7.89 2.62
H5 NMV B . -10.12 -12.92 5.28
H6 NMV B . -10.09 -11.62 3.36
H14 NMV B . -8.97 -4.67 6.62
H13 NMV B . -7.51 -4.18 6.74
H7 NMV B . -12.61 -9.95 1.92
H8 NMV B . -11.02 -9.94 1.94
H10 NMV B . -9.25 -8.82 2.70
H12 NMV B . -10.44 -5.19 5.28
H11 NMV B . -7.60 -7.57 3.76
H15 NMV B . -13.54 -9.89 4.47
H16 NMV B . -13.56 -11.19 6.38
C1 CIT C . 25.47 12.50 16.29
O1 CIT C . 25.35 11.26 16.49
O2 CIT C . 26.58 13.11 16.37
C2 CIT C . 24.25 13.26 15.74
C3 CIT C . 22.97 13.17 16.57
O7 CIT C . 22.43 11.82 16.47
C4 CIT C . 23.36 13.52 18.03
C5 CIT C . 22.19 13.64 19.03
O3 CIT C . 21.01 13.40 18.58
O4 CIT C . 22.44 13.97 20.26
C6 CIT C . 21.93 14.21 16.02
O5 CIT C . 21.16 13.84 15.06
O6 CIT C . 21.86 15.36 16.58
H21 CIT C . 24.06 12.93 14.84
H22 CIT C . 24.49 14.20 15.66
HO7 CIT C . 21.69 11.87 16.15
H41 CIT C . 23.84 14.37 18.03
H42 CIT C . 23.97 12.84 18.37
#